data_4EKU
#
_entry.id   4EKU
#
_cell.length_a   112.971
_cell.length_b   112.971
_cell.length_c   103.335
_cell.angle_alpha   90.00
_cell.angle_beta   90.00
_cell.angle_gamma   120.00
#
_symmetry.space_group_name_H-M   'P 32 2 1'
#
_entity_poly.entity_id   1
_entity_poly.type   'polypeptide(L)'
_entity_poly.pdbx_seq_one_letter_code
;MELGPAEPMVVVPVDVEKEDVRILKVCFYSNSFNPGKNFKLVKCTVQTEIREIITSILLSGRIGPNIRLAECYGLRLKHM
KSDEIHWLHPQMTVGEVQDKYECLHVEAEWRYDLQIRYLPEDFMESLKEDRTTLLYFYQQLRNDYMQRYASKVSEGMALQ
LGCLELRRFFKDMPHNALDKKSNFELLEKEVGLDLFFPKQMQENLKPKQFRKMIQQTFQQYASLREEECVMKFFNTLAGF
ANIDQETYRCELIQGWNITVDLVIGPKGIRQLTSQDAKPTCLAEFKQIRSIRCLPLEEGQAVLQLGIEGAPQALSIKTSS
LAEAENMADLIDGYCRLQGEHQGSLIIHPRKDGEKRNSLPQIPMLNLEARRSHLSESCSIESDIYAEIPDET
;
_entity_poly.pdbx_strand_id   A
#
# COMPACT_ATOMS: atom_id res chain seq x y z
N GLU A 2 57.14 -15.15 -15.05
CA GLU A 2 56.47 -13.99 -15.68
C GLU A 2 55.45 -14.43 -16.71
N LEU A 3 55.35 -15.75 -16.93
CA LEU A 3 54.38 -16.33 -17.84
C LEU A 3 53.61 -17.24 -16.92
N GLY A 4 53.76 -16.97 -15.63
CA GLY A 4 53.05 -17.75 -14.65
C GLY A 4 51.65 -17.40 -15.02
N PRO A 5 50.70 -17.83 -14.22
CA PRO A 5 49.34 -17.40 -14.39
C PRO A 5 49.34 -15.91 -14.49
N ALA A 6 48.15 -15.32 -14.54
CA ALA A 6 48.02 -13.89 -14.54
C ALA A 6 47.33 -13.47 -13.27
N GLU A 7 47.85 -12.39 -12.67
CA GLU A 7 47.28 -11.82 -11.47
C GLU A 7 46.28 -10.68 -11.79
N PRO A 8 45.02 -10.81 -11.33
CA PRO A 8 44.06 -9.73 -11.57
C PRO A 8 44.36 -8.48 -10.75
N MET A 9 43.61 -7.39 -11.04
CA MET A 9 43.93 -6.11 -10.40
C MET A 9 43.35 -6.31 -9.08
N VAL A 10 43.97 -5.70 -8.05
CA VAL A 10 43.50 -5.81 -6.68
C VAL A 10 42.23 -5.07 -6.53
N VAL A 11 41.36 -5.63 -5.73
CA VAL A 11 40.10 -4.97 -5.51
C VAL A 11 39.81 -4.76 -4.05
N VAL A 12 39.66 -3.50 -3.63
CA VAL A 12 39.52 -3.26 -2.24
C VAL A 12 38.09 -3.53 -1.90
N PRO A 13 37.83 -4.45 -0.96
CA PRO A 13 36.58 -5.04 -0.79
C PRO A 13 35.78 -4.08 0.03
N VAL A 14 34.54 -3.75 -0.37
CA VAL A 14 33.73 -2.83 0.45
C VAL A 14 33.55 -3.46 1.83
N ASP A 15 33.90 -2.73 2.89
CA ASP A 15 33.62 -3.15 4.27
C ASP A 15 32.91 -1.93 4.83
N VAL A 16 32.27 -2.02 6.00
CA VAL A 16 31.42 -0.89 6.43
C VAL A 16 31.58 -0.48 7.89
N GLU A 17 31.44 0.80 8.14
CA GLU A 17 31.58 1.28 9.47
C GLU A 17 30.56 0.62 10.37
N LYS A 18 31.06 0.05 11.47
CA LYS A 18 30.23 -0.45 12.56
C LYS A 18 29.10 0.49 12.89
N GLU A 19 29.29 1.81 12.86
CA GLU A 19 28.16 2.64 13.23
C GLU A 19 27.39 3.27 12.10
N ASP A 20 27.63 2.80 10.90
CA ASP A 20 26.73 3.10 9.82
C ASP A 20 25.74 1.97 9.61
N VAL A 21 25.74 0.98 10.51
CA VAL A 21 24.85 -0.16 10.26
C VAL A 21 23.50 0.24 10.78
N ARG A 22 22.47 -0.23 10.11
CA ARG A 22 21.13 -0.02 10.55
C ARG A 22 20.42 -1.34 10.36
N ILE A 23 19.56 -1.64 11.33
CA ILE A 23 18.72 -2.82 11.23
C ILE A 23 17.23 -2.44 11.30
N LEU A 24 16.54 -2.40 10.18
CA LEU A 24 15.12 -1.99 10.17
C LEU A 24 14.19 -3.14 10.39
N LYS A 25 13.03 -2.88 10.99
CA LYS A 25 12.00 -3.89 11.06
C LYS A 25 10.94 -3.59 10.00
N VAL A 26 10.75 -4.48 9.07
CA VAL A 26 9.84 -4.16 8.00
C VAL A 26 8.73 -5.15 8.03
N CYS A 27 7.49 -4.65 8.18
CA CYS A 27 6.30 -5.48 8.19
C CYS A 27 5.73 -5.65 6.82
N PHE A 28 5.23 -6.84 6.52
CA PHE A 28 4.53 -7.00 5.29
C PHE A 28 3.27 -7.79 5.57
N TYR A 29 2.41 -7.94 4.55
CA TYR A 29 1.20 -8.77 4.61
C TYR A 29 1.55 -10.15 4.08
N SER A 30 0.77 -11.12 4.53
CA SER A 30 1.07 -12.52 4.21
C SER A 30 0.09 -13.39 4.92
N ASN A 31 -0.07 -14.59 4.35
CA ASN A 31 -1.22 -15.46 4.61
C ASN A 31 -1.11 -16.12 5.97
N SER A 32 -0.51 -15.37 6.89
CA SER A 32 -0.59 -15.69 8.29
C SER A 32 -1.96 -15.22 8.81
N PHE A 33 -2.28 -15.77 9.98
CA PHE A 33 -3.42 -15.38 10.79
C PHE A 33 -2.91 -14.19 11.61
N ASN A 34 -2.11 -13.32 10.97
CA ASN A 34 -1.38 -12.22 11.63
C ASN A 34 -1.37 -10.87 10.87
N PRO A 35 -2.06 -10.77 9.70
CA PRO A 35 -1.92 -9.63 8.77
C PRO A 35 -0.72 -8.62 8.93
N GLY A 36 -0.85 -7.54 9.73
CA GLY A 36 0.26 -6.56 9.98
C GLY A 36 1.25 -6.83 11.15
N LYS A 37 1.37 -8.11 11.54
CA LYS A 37 2.24 -8.58 12.65
C LYS A 37 3.30 -9.61 12.13
N ASN A 38 3.40 -9.70 10.79
CA ASN A 38 4.52 -10.40 10.18
C ASN A 38 5.53 -9.44 9.64
N PHE A 39 6.80 -9.79 9.78
CA PHE A 39 7.91 -8.86 9.54
C PHE A 39 9.26 -9.52 9.29
N LYS A 40 10.22 -8.73 8.91
CA LYS A 40 11.50 -9.29 8.57
C LYS A 40 12.51 -8.20 8.95
N LEU A 41 13.59 -8.54 9.65
CA LEU A 41 14.55 -7.50 9.94
C LEU A 41 15.34 -7.29 8.70
N VAL A 42 15.74 -6.09 8.40
CA VAL A 42 16.54 -5.89 7.23
C VAL A 42 17.84 -5.32 7.72
N LYS A 43 18.97 -5.93 7.33
CA LYS A 43 20.25 -5.32 7.70
C LYS A 43 20.77 -4.40 6.62
N CYS A 44 21.21 -3.20 6.99
CA CYS A 44 21.87 -2.31 6.03
C CYS A 44 22.71 -1.19 6.56
N THR A 45 22.91 -0.21 5.69
CA THR A 45 23.69 0.93 6.07
C THR A 45 22.81 2.11 6.03
N VAL A 46 23.14 3.02 6.92
CA VAL A 46 22.74 4.42 6.85
C VAL A 46 22.64 4.95 5.44
N GLN A 47 23.47 4.48 4.52
CA GLN A 47 23.29 5.11 3.27
C GLN A 47 22.68 4.27 2.20
N THR A 48 22.06 3.15 2.54
CA THR A 48 21.28 2.47 1.50
C THR A 48 20.01 3.25 1.27
N GLU A 49 19.64 3.37 -0.01
CA GLU A 49 18.41 3.99 -0.52
C GLU A 49 17.17 3.10 -0.35
N ILE A 50 16.01 3.69 -0.19
CA ILE A 50 14.82 2.86 -0.02
C ILE A 50 14.62 1.74 -1.06
N ARG A 51 14.77 2.06 -2.37
CA ARG A 51 14.65 1.06 -3.43
C ARG A 51 15.24 -0.25 -2.97
N GLU A 52 16.55 -0.18 -2.75
CA GLU A 52 17.40 -1.23 -2.24
C GLU A 52 16.67 -2.04 -1.25
N ILE A 53 16.02 -1.40 -0.30
CA ILE A 53 15.31 -2.20 0.72
C ILE A 53 14.09 -2.98 0.16
N ILE A 54 13.29 -2.26 -0.58
CA ILE A 54 12.18 -2.89 -1.20
C ILE A 54 12.67 -4.05 -2.05
N THR A 55 13.78 -3.86 -2.77
CA THR A 55 14.20 -4.95 -3.61
C THR A 55 14.75 -6.07 -2.78
N SER A 56 15.34 -5.72 -1.68
CA SER A 56 15.92 -6.80 -0.96
C SER A 56 14.81 -7.60 -0.36
N ILE A 57 13.65 -6.98 -0.14
CA ILE A 57 12.59 -7.82 0.44
C ILE A 57 11.92 -8.64 -0.63
N LEU A 58 11.68 -8.00 -1.76
CA LEU A 58 11.05 -8.62 -2.86
C LEU A 58 11.84 -9.84 -3.31
N LEU A 59 13.16 -9.71 -3.35
CA LEU A 59 13.95 -10.83 -3.82
C LEU A 59 14.06 -11.88 -2.77
N SER A 60 13.98 -11.51 -1.49
CA SER A 60 14.01 -12.53 -0.46
C SER A 60 13.06 -13.64 -0.78
N GLY A 61 12.11 -13.39 -1.68
CA GLY A 61 11.03 -14.34 -2.02
C GLY A 61 10.13 -14.64 -0.84
N ARG A 62 10.35 -13.88 0.20
CA ARG A 62 9.60 -14.01 1.39
C ARG A 62 8.12 -13.69 1.11
N ILE A 63 7.82 -12.92 0.08
CA ILE A 63 6.43 -12.53 -0.02
C ILE A 63 5.71 -13.24 -1.16
N GLY A 64 6.33 -14.23 -1.78
CA GLY A 64 5.81 -14.76 -3.03
C GLY A 64 6.85 -14.71 -4.12
N PRO A 65 6.65 -15.53 -5.16
CA PRO A 65 7.51 -15.91 -6.24
C PRO A 65 7.64 -14.90 -7.37
N ASN A 66 7.36 -15.36 -8.59
CA ASN A 66 7.84 -14.68 -9.80
C ASN A 66 7.19 -13.31 -9.87
N ILE A 67 7.90 -12.31 -9.33
CA ILE A 67 7.32 -10.97 -9.18
C ILE A 67 7.68 -10.14 -10.38
N ARG A 68 6.72 -9.40 -10.94
CA ARG A 68 7.03 -8.54 -12.08
C ARG A 68 6.90 -7.04 -11.75
N LEU A 69 5.74 -6.61 -11.30
CA LEU A 69 5.57 -5.21 -10.98
C LEU A 69 6.15 -4.82 -9.61
N ALA A 70 7.48 -4.85 -9.51
CA ALA A 70 8.16 -4.44 -8.30
C ALA A 70 8.16 -2.92 -8.10
N GLU A 71 7.88 -2.17 -9.15
CA GLU A 71 7.92 -0.73 -9.02
C GLU A 71 6.71 -0.30 -8.33
N CYS A 72 5.76 -1.20 -8.22
CA CYS A 72 4.51 -0.85 -7.59
C CYS A 72 4.56 -0.73 -6.09
N TYR A 73 5.58 -1.32 -5.45
CA TYR A 73 5.69 -1.37 -4.02
C TYR A 73 6.24 -0.08 -3.45
N GLY A 74 5.87 0.27 -2.24
CA GLY A 74 6.50 1.41 -1.61
C GLY A 74 6.81 1.07 -0.17
N LEU A 75 7.39 2.01 0.55
CA LEU A 75 7.69 1.72 1.93
C LEU A 75 7.11 2.85 2.73
N ARG A 76 6.44 2.50 3.81
CA ARG A 76 5.69 3.52 4.49
C ARG A 76 5.98 3.51 5.98
N LEU A 77 6.44 4.65 6.47
CA LEU A 77 6.69 4.81 7.88
C LEU A 77 5.44 5.36 8.49
N LYS A 78 5.09 4.87 9.68
CA LYS A 78 3.87 5.27 10.39
C LYS A 78 4.16 5.49 11.87
N HIS A 79 3.82 6.63 12.42
CA HIS A 79 3.89 6.80 13.89
C HIS A 79 2.70 6.12 14.53
N MET A 80 2.93 5.39 15.60
CA MET A 80 1.90 4.49 16.04
C MET A 80 0.80 5.20 16.73
N LYS A 81 1.08 6.08 17.72
CA LYS A 81 -0.01 6.80 18.44
C LYS A 81 -0.85 7.76 17.57
N SER A 82 -0.28 8.90 17.17
CA SER A 82 -0.90 9.77 16.16
C SER A 82 -0.87 8.98 14.91
N ASP A 83 -1.78 9.16 13.98
CA ASP A 83 -1.43 8.49 12.73
C ASP A 83 -0.89 9.34 11.60
N GLU A 84 0.09 10.13 12.02
CA GLU A 84 1.12 10.65 11.19
C GLU A 84 1.46 9.41 10.35
N ILE A 85 1.56 9.56 9.02
CA ILE A 85 2.28 8.59 8.20
C ILE A 85 3.16 9.30 7.14
N HIS A 86 4.32 8.74 6.83
CA HIS A 86 5.19 9.35 5.82
C HIS A 86 5.66 8.30 4.87
N TRP A 87 5.59 8.64 3.57
CA TRP A 87 5.89 7.68 2.51
C TRP A 87 7.31 7.97 2.18
N LEU A 88 8.18 7.02 2.39
CA LEU A 88 9.57 7.26 2.15
C LEU A 88 9.88 7.11 0.71
N HIS A 89 10.27 8.20 0.07
CA HIS A 89 10.51 8.14 -1.36
C HIS A 89 11.71 7.27 -1.72
N PRO A 90 11.56 6.30 -2.67
CA PRO A 90 12.52 5.30 -3.13
C PRO A 90 13.97 5.63 -3.03
N GLN A 91 14.34 6.82 -3.44
CA GLN A 91 15.72 7.19 -3.51
C GLN A 91 16.24 8.00 -2.34
N MET A 92 15.61 8.03 -1.20
CA MET A 92 16.25 8.78 -0.15
C MET A 92 16.86 7.71 0.73
N THR A 93 17.94 8.05 1.45
CA THR A 93 18.65 7.02 2.19
C THR A 93 18.01 6.83 3.52
N VAL A 94 18.29 5.65 4.07
CA VAL A 94 17.92 5.39 5.44
C VAL A 94 18.29 6.52 6.38
N GLY A 95 19.54 6.96 6.25
CA GLY A 95 20.05 8.00 7.10
C GLY A 95 19.16 9.21 7.07
N GLU A 96 18.73 9.60 5.89
CA GLU A 96 17.97 10.82 5.76
C GLU A 96 16.66 10.62 6.50
N VAL A 97 15.96 9.54 6.15
CA VAL A 97 14.75 9.16 6.86
C VAL A 97 14.90 9.39 8.34
N GLN A 98 16.06 8.99 8.88
CA GLN A 98 16.17 8.76 10.29
C GLN A 98 16.44 10.05 11.00
N ASP A 99 17.17 10.93 10.36
CA ASP A 99 17.36 12.18 11.04
C ASP A 99 16.29 13.12 10.58
N LYS A 100 15.56 12.71 9.57
CA LYS A 100 14.32 13.41 9.28
C LYS A 100 13.20 13.16 10.30
N TYR A 101 12.96 11.90 10.70
CA TYR A 101 11.79 11.54 11.56
C TYR A 101 11.95 10.80 12.92
N GLU A 102 12.76 9.73 13.03
CA GLU A 102 13.08 9.16 14.38
C GLU A 102 13.65 10.30 15.17
N CYS A 103 13.90 11.40 14.47
CA CYS A 103 14.10 12.61 15.16
C CYS A 103 12.86 12.85 16.06
N LEU A 104 11.69 12.42 15.57
CA LEU A 104 10.38 12.90 16.04
C LEU A 104 9.82 12.10 17.23
N HIS A 105 9.97 10.78 17.18
CA HIS A 105 9.65 9.88 18.28
C HIS A 105 10.71 8.72 18.24
N VAL A 106 11.08 8.09 19.37
CA VAL A 106 12.15 7.02 19.29
C VAL A 106 11.70 5.67 18.61
N GLU A 107 12.66 4.84 18.22
CA GLU A 107 12.40 3.71 17.30
C GLU A 107 11.05 3.02 17.52
N ALA A 108 10.73 2.78 18.78
CA ALA A 108 9.70 1.80 19.13
C ALA A 108 8.29 2.31 18.97
N GLU A 109 8.13 3.54 18.50
CA GLU A 109 6.82 4.16 18.42
C GLU A 109 6.42 4.22 16.97
N TRP A 110 7.31 3.71 16.13
CA TRP A 110 7.15 3.71 14.67
C TRP A 110 6.97 2.31 14.10
N ARG A 111 6.70 2.24 12.80
CA ARG A 111 6.68 0.98 12.08
C ARG A 111 6.76 1.27 10.62
N TYR A 112 7.41 0.37 9.89
CA TYR A 112 7.51 0.46 8.47
C TYR A 112 6.71 -0.67 7.92
N ASP A 113 5.90 -0.39 6.90
CA ASP A 113 5.22 -1.46 6.21
C ASP A 113 5.59 -1.33 4.78
N LEU A 114 5.82 -2.50 4.17
CA LEU A 114 5.95 -2.59 2.73
C LEU A 114 4.56 -2.47 2.15
N GLN A 115 4.37 -1.63 1.15
CA GLN A 115 3.02 -1.44 0.61
C GLN A 115 2.82 -1.09 -0.84
N ILE A 116 1.91 -1.78 -1.50
CA ILE A 116 1.61 -1.43 -2.87
C ILE A 116 1.05 -0.04 -2.83
N ARG A 117 1.61 0.89 -3.62
CA ARG A 117 1.25 2.28 -3.52
C ARG A 117 1.07 2.90 -4.86
N TYR A 118 1.93 2.54 -5.80
CA TYR A 118 1.91 3.11 -7.15
C TYR A 118 1.28 2.15 -8.17
N LEU A 119 -0.03 2.28 -8.40
CA LEU A 119 -0.70 1.24 -9.14
C LEU A 119 -0.28 1.30 -10.58
N PRO A 120 -0.29 0.15 -11.28
CA PRO A 120 -0.07 0.14 -12.73
C PRO A 120 -1.05 1.02 -13.43
N GLU A 121 -0.60 1.68 -14.50
CA GLU A 121 -1.53 2.33 -15.45
C GLU A 121 -2.77 1.49 -15.82
N ASP A 122 -2.66 0.16 -15.94
CA ASP A 122 -3.75 -0.78 -16.27
C ASP A 122 -4.59 -1.07 -15.10
N PHE A 123 -4.03 -0.87 -13.92
CA PHE A 123 -4.64 -1.40 -12.70
C PHE A 123 -5.09 -2.92 -12.89
N MET A 124 -6.33 -3.29 -12.63
CA MET A 124 -6.69 -4.70 -12.77
C MET A 124 -6.09 -5.48 -13.93
N GLU A 125 -5.82 -4.79 -15.02
CA GLU A 125 -5.49 -5.54 -16.21
C GLU A 125 -4.17 -6.16 -16.01
N SER A 126 -3.24 -5.38 -15.51
CA SER A 126 -1.89 -5.89 -15.31
C SER A 126 -1.70 -6.60 -13.99
N LEU A 127 -2.48 -6.28 -12.98
CA LEU A 127 -2.27 -7.03 -11.75
C LEU A 127 -2.37 -8.49 -12.03
N LYS A 128 -3.41 -8.89 -12.76
CA LYS A 128 -3.67 -10.28 -13.12
C LYS A 128 -2.44 -11.00 -13.65
N GLU A 129 -1.56 -10.29 -14.34
CA GLU A 129 -0.33 -10.87 -14.95
C GLU A 129 0.68 -11.36 -13.92
N ASP A 130 0.66 -10.74 -12.75
CA ASP A 130 1.58 -11.09 -11.70
C ASP A 130 0.82 -11.56 -10.50
N ARG A 131 0.82 -12.86 -10.24
CA ARG A 131 0.00 -13.33 -9.17
C ARG A 131 0.39 -12.70 -7.83
N THR A 132 1.59 -13.06 -7.38
CA THR A 132 2.13 -12.65 -6.06
C THR A 132 1.75 -11.26 -5.55
N THR A 133 2.17 -10.27 -6.29
CA THR A 133 1.69 -8.93 -6.12
C THR A 133 0.15 -8.86 -5.99
N LEU A 134 -0.56 -9.39 -7.01
CA LEU A 134 -2.02 -9.36 -6.98
C LEU A 134 -2.44 -9.71 -5.58
N LEU A 135 -2.01 -10.89 -5.13
CA LEU A 135 -2.37 -11.35 -3.82
C LEU A 135 -2.00 -10.40 -2.73
N TYR A 136 -0.76 -9.92 -2.78
CA TYR A 136 -0.26 -9.02 -1.76
C TYR A 136 -1.16 -7.80 -1.64
N PHE A 137 -1.62 -7.32 -2.77
CA PHE A 137 -2.35 -6.12 -2.75
C PHE A 137 -3.73 -6.45 -2.27
N TYR A 138 -4.18 -7.64 -2.64
CA TYR A 138 -5.44 -8.11 -2.12
C TYR A 138 -5.38 -8.25 -0.63
N GLN A 139 -4.29 -8.78 -0.13
CA GLN A 139 -4.21 -8.90 1.31
C GLN A 139 -4.24 -7.57 2.01
N GLN A 140 -3.74 -6.55 1.33
CA GLN A 140 -3.42 -5.28 1.90
C GLN A 140 -4.68 -4.57 2.09
N LEU A 141 -5.49 -4.72 1.06
CA LEU A 141 -6.79 -4.13 1.02
C LEU A 141 -7.68 -4.84 1.98
N ARG A 142 -7.55 -6.16 1.98
CA ARG A 142 -8.39 -6.98 2.77
C ARG A 142 -8.17 -6.54 4.18
N ASN A 143 -6.92 -6.34 4.54
CA ASN A 143 -6.64 -5.90 5.87
C ASN A 143 -7.35 -4.63 6.29
N ASP A 144 -7.10 -3.57 5.55
CA ASP A 144 -7.88 -2.35 5.62
C ASP A 144 -9.37 -2.58 5.82
N TYR A 145 -10.03 -3.20 4.84
CA TYR A 145 -11.41 -3.62 4.94
C TYR A 145 -11.73 -4.07 6.35
N MET A 146 -11.11 -5.14 6.81
CA MET A 146 -11.33 -5.60 8.18
C MET A 146 -11.18 -4.51 9.22
N GLN A 147 -10.12 -3.71 9.12
CA GLN A 147 -9.77 -2.76 10.18
C GLN A 147 -10.64 -1.55 10.17
N ARG A 148 -11.26 -1.25 9.04
CA ARG A 148 -11.83 0.10 8.82
C ARG A 148 -13.31 0.12 8.45
N TYR A 149 -13.69 -0.84 7.60
CA TYR A 149 -14.96 -0.93 6.93
C TYR A 149 -15.89 -2.01 7.46
N ALA A 150 -15.33 -3.17 7.84
CA ALA A 150 -16.11 -4.41 7.99
C ALA A 150 -17.13 -4.31 9.12
N SER A 151 -16.86 -3.45 10.09
CA SER A 151 -17.82 -3.22 11.17
C SER A 151 -18.90 -2.27 10.70
N LYS A 152 -18.55 -1.41 9.76
CA LYS A 152 -19.43 -0.37 9.22
C LYS A 152 -20.34 -0.84 8.08
N VAL A 153 -20.05 -1.95 7.46
CA VAL A 153 -20.92 -2.37 6.39
C VAL A 153 -22.01 -3.30 6.89
N SER A 154 -23.16 -3.32 6.21
CA SER A 154 -24.24 -4.28 6.47
C SER A 154 -23.75 -5.67 6.85
N GLU A 155 -24.45 -6.31 7.79
CA GLU A 155 -24.06 -7.61 8.29
C GLU A 155 -23.95 -8.61 7.13
N GLY A 156 -25.04 -8.72 6.38
CA GLY A 156 -25.12 -9.58 5.21
C GLY A 156 -23.95 -9.43 4.28
N MET A 157 -23.43 -8.22 4.17
CA MET A 157 -22.27 -8.01 3.35
C MET A 157 -21.00 -8.59 3.94
N ALA A 158 -20.79 -8.32 5.23
CA ALA A 158 -19.59 -8.87 5.83
C ALA A 158 -19.61 -10.40 5.72
N LEU A 159 -20.79 -10.97 5.93
CA LEU A 159 -20.93 -12.39 5.71
C LEU A 159 -20.39 -12.79 4.36
N GLN A 160 -20.77 -12.06 3.29
CA GLN A 160 -20.23 -12.40 1.99
C GLN A 160 -18.68 -12.39 1.96
N LEU A 161 -18.05 -11.39 2.56
CA LEU A 161 -16.67 -11.23 2.25
C LEU A 161 -15.87 -12.18 3.04
N GLY A 162 -16.33 -12.50 4.25
CA GLY A 162 -15.65 -13.44 5.14
C GLY A 162 -15.69 -14.84 4.55
N CYS A 163 -16.78 -15.16 3.86
CA CYS A 163 -16.82 -16.45 3.16
C CYS A 163 -15.92 -16.41 1.94
N LEU A 164 -15.99 -15.30 1.25
CA LEU A 164 -15.12 -15.09 0.15
C LEU A 164 -13.68 -15.45 0.58
N GLU A 165 -13.25 -14.93 1.74
CA GLU A 165 -11.97 -15.26 2.27
C GLU A 165 -11.90 -16.73 2.66
N LEU A 166 -12.83 -17.26 3.46
CA LEU A 166 -12.75 -18.69 3.80
C LEU A 166 -12.42 -19.55 2.58
N ARG A 167 -13.15 -19.41 1.48
CA ARG A 167 -12.91 -20.24 0.30
C ARG A 167 -11.53 -19.92 -0.21
N ARG A 168 -11.26 -18.62 -0.27
CA ARG A 168 -9.99 -18.12 -0.75
C ARG A 168 -8.83 -18.67 0.08
N PHE A 169 -8.96 -18.55 1.40
CA PHE A 169 -7.93 -18.95 2.32
C PHE A 169 -7.73 -20.44 2.38
N PHE A 170 -8.78 -21.21 2.22
CA PHE A 170 -8.61 -22.63 2.25
C PHE A 170 -8.78 -23.26 0.87
N LYS A 171 -8.01 -22.80 -0.10
CA LYS A 171 -7.78 -23.63 -1.27
C LYS A 171 -7.55 -25.01 -0.65
N ASP A 172 -7.68 -26.08 -1.42
CA ASP A 172 -7.29 -27.43 -0.95
C ASP A 172 -8.21 -28.01 0.11
N MET A 173 -9.08 -27.20 0.68
CA MET A 173 -10.11 -27.74 1.55
C MET A 173 -11.27 -28.23 0.70
N PRO A 174 -11.79 -29.42 1.03
CA PRO A 174 -12.93 -30.00 0.32
C PRO A 174 -14.12 -29.01 0.23
N HIS A 175 -14.78 -28.97 -0.93
CA HIS A 175 -15.90 -28.03 -1.19
C HIS A 175 -17.01 -28.03 -0.15
N ASN A 176 -17.00 -29.01 0.74
CA ASN A 176 -18.10 -29.13 1.69
C ASN A 176 -17.62 -29.52 3.08
N ALA A 177 -16.35 -29.24 3.35
CA ALA A 177 -15.79 -29.45 4.68
C ALA A 177 -16.73 -28.86 5.73
N LEU A 178 -16.72 -27.53 5.87
CA LEU A 178 -17.45 -26.84 6.93
C LEU A 178 -18.82 -27.33 7.41
N ASP A 179 -19.55 -28.15 6.65
CA ASP A 179 -20.88 -28.57 7.11
C ASP A 179 -20.77 -29.47 8.34
N LYS A 180 -19.63 -30.16 8.45
CA LYS A 180 -19.33 -31.07 9.57
C LYS A 180 -19.04 -30.26 10.84
N LYS A 181 -20.03 -30.15 11.73
CA LYS A 181 -19.89 -29.36 12.98
C LYS A 181 -18.48 -29.48 13.55
N SER A 182 -17.94 -30.70 13.55
CA SER A 182 -16.53 -31.00 13.93
C SER A 182 -15.52 -29.97 13.43
N ASN A 183 -15.35 -29.93 12.09
CA ASN A 183 -14.39 -29.03 11.41
C ASN A 183 -14.69 -27.59 11.73
N PHE A 184 -15.95 -27.32 12.00
CA PHE A 184 -16.30 -25.97 12.27
C PHE A 184 -15.70 -25.57 13.62
N GLU A 185 -16.08 -26.27 14.69
CA GLU A 185 -15.58 -25.94 16.02
C GLU A 185 -14.09 -25.69 15.96
N LEU A 186 -13.44 -26.52 15.13
CA LEU A 186 -12.03 -26.39 14.83
C LEU A 186 -11.69 -24.96 14.42
N LEU A 187 -12.31 -24.45 13.37
CA LEU A 187 -12.02 -23.11 12.92
C LEU A 187 -11.78 -22.05 13.96
N GLU A 188 -12.62 -21.99 15.01
CA GLU A 188 -12.38 -21.02 16.08
C GLU A 188 -11.16 -21.49 16.84
N LYS A 189 -11.27 -22.66 17.48
CA LYS A 189 -10.14 -23.22 18.23
C LYS A 189 -8.82 -22.90 17.53
N GLU A 190 -8.75 -23.19 16.24
CA GLU A 190 -7.48 -23.16 15.52
C GLU A 190 -7.12 -21.86 14.83
N VAL A 191 -8.12 -21.12 14.34
CA VAL A 191 -7.84 -19.87 13.61
C VAL A 191 -8.68 -18.69 14.07
N GLY A 192 -9.90 -18.96 14.52
CA GLY A 192 -10.81 -17.91 14.98
C GLY A 192 -11.46 -17.16 13.83
N LEU A 193 -12.73 -16.85 13.99
CA LEU A 193 -13.48 -16.36 12.87
C LEU A 193 -13.38 -14.88 12.78
N ASP A 194 -12.99 -14.27 13.90
CA ASP A 194 -12.75 -12.82 13.99
C ASP A 194 -11.69 -12.33 12.97
N LEU A 195 -10.91 -13.25 12.41
CA LEU A 195 -10.06 -12.99 11.23
C LEU A 195 -10.86 -12.76 9.94
N PHE A 196 -12.06 -13.31 9.82
CA PHE A 196 -12.82 -13.22 8.57
C PHE A 196 -14.08 -12.40 8.63
N PHE A 197 -14.66 -12.39 9.82
CA PHE A 197 -15.87 -11.67 10.05
C PHE A 197 -15.54 -10.71 11.15
N PRO A 198 -16.28 -9.62 11.26
CA PRO A 198 -16.00 -8.68 12.30
C PRO A 198 -16.47 -9.17 13.67
N LYS A 199 -15.96 -8.59 14.76
CA LYS A 199 -16.36 -9.01 16.10
C LYS A 199 -17.88 -9.13 16.24
N GLN A 200 -18.58 -8.02 15.96
CA GLN A 200 -19.98 -7.77 16.37
C GLN A 200 -20.81 -8.86 15.87
N MET A 201 -20.37 -9.42 14.75
CA MET A 201 -21.15 -10.44 14.12
C MET A 201 -21.29 -11.58 15.09
N GLN A 202 -20.16 -12.19 15.44
CA GLN A 202 -20.21 -13.31 16.31
C GLN A 202 -20.99 -12.98 17.56
N GLU A 203 -20.73 -11.81 18.12
CA GLU A 203 -21.26 -11.36 19.40
C GLU A 203 -22.72 -10.91 19.29
N ASN A 204 -23.26 -10.84 18.07
CA ASN A 204 -24.68 -10.45 17.85
C ASN A 204 -25.70 -11.55 17.53
N LEU A 205 -25.24 -12.79 17.35
CA LEU A 205 -26.05 -13.84 16.72
C LEU A 205 -25.97 -15.18 17.40
N LYS A 206 -27.13 -15.80 17.67
CA LYS A 206 -27.12 -17.12 18.23
C LYS A 206 -26.04 -17.86 17.45
N PRO A 207 -25.14 -18.58 18.14
CA PRO A 207 -23.98 -19.02 17.35
C PRO A 207 -24.37 -20.13 16.39
N LYS A 208 -25.25 -21.05 16.81
CA LYS A 208 -25.94 -21.95 15.88
C LYS A 208 -26.29 -21.17 14.62
N GLN A 209 -27.08 -20.11 14.77
CA GLN A 209 -27.50 -19.23 13.68
C GLN A 209 -26.32 -18.85 12.78
N PHE A 210 -25.27 -18.34 13.40
CA PHE A 210 -24.09 -17.86 12.71
C PHE A 210 -23.55 -18.97 11.80
N ARG A 211 -23.09 -20.05 12.43
CA ARG A 211 -22.70 -21.23 11.73
C ARG A 211 -23.55 -21.44 10.48
N LYS A 212 -24.87 -21.56 10.67
CA LYS A 212 -25.85 -21.76 9.58
C LYS A 212 -25.46 -20.83 8.45
N MET A 213 -25.51 -19.53 8.68
CA MET A 213 -25.24 -18.61 7.60
C MET A 213 -23.87 -18.70 7.02
N ILE A 214 -22.91 -19.22 7.75
CA ILE A 214 -21.63 -19.44 7.08
C ILE A 214 -21.61 -20.71 6.24
N GLN A 215 -22.08 -21.84 6.82
CA GLN A 215 -22.03 -23.11 6.17
C GLN A 215 -22.66 -22.94 4.82
N GLN A 216 -23.77 -22.18 4.78
CA GLN A 216 -24.58 -22.11 3.55
C GLN A 216 -24.06 -21.03 2.66
N THR A 217 -23.58 -19.94 3.22
CA THR A 217 -23.03 -18.93 2.35
C THR A 217 -21.81 -19.48 1.62
N PHE A 218 -20.97 -20.23 2.33
CA PHE A 218 -19.85 -20.91 1.69
C PHE A 218 -20.24 -21.65 0.44
N GLN A 219 -21.19 -22.57 0.53
CA GLN A 219 -21.48 -23.40 -0.64
C GLN A 219 -21.71 -22.51 -1.86
N GLN A 220 -22.16 -21.28 -1.66
CA GLN A 220 -22.31 -20.36 -2.78
C GLN A 220 -20.97 -20.11 -3.45
N TYR A 221 -19.91 -19.96 -2.64
CA TYR A 221 -18.56 -19.68 -3.15
C TYR A 221 -17.69 -20.90 -3.29
N ALA A 222 -18.21 -22.01 -2.77
CA ALA A 222 -17.45 -23.23 -2.61
C ALA A 222 -16.64 -23.63 -3.82
N SER A 223 -17.14 -23.31 -5.00
CA SER A 223 -16.53 -23.81 -6.20
C SER A 223 -15.51 -22.86 -6.85
N LEU A 224 -15.09 -21.80 -6.16
CA LEU A 224 -14.25 -20.80 -6.84
C LEU A 224 -12.77 -20.89 -6.52
N ARG A 225 -11.94 -20.77 -7.55
CA ARG A 225 -10.49 -20.60 -7.43
C ARG A 225 -10.12 -19.28 -6.77
N GLU A 226 -8.88 -19.24 -6.29
CA GLU A 226 -8.29 -18.09 -5.61
C GLU A 226 -8.37 -16.80 -6.39
N GLU A 227 -7.78 -16.76 -7.59
CA GLU A 227 -7.82 -15.59 -8.50
C GLU A 227 -9.23 -15.04 -8.62
N GLU A 228 -10.19 -15.95 -8.66
CA GLU A 228 -11.57 -15.66 -8.77
C GLU A 228 -12.07 -14.99 -7.52
N CYS A 229 -11.93 -15.63 -6.36
CA CYS A 229 -12.23 -14.93 -5.11
C CYS A 229 -11.74 -13.51 -5.05
N VAL A 230 -10.44 -13.39 -5.27
CA VAL A 230 -9.79 -12.12 -5.13
C VAL A 230 -10.47 -11.13 -6.08
N MET A 231 -10.57 -11.50 -7.35
CA MET A 231 -11.18 -10.61 -8.32
C MET A 231 -12.54 -10.20 -7.81
N LYS A 232 -13.33 -11.18 -7.37
CA LYS A 232 -14.65 -10.87 -6.90
C LYS A 232 -14.57 -9.83 -5.80
N PHE A 233 -13.83 -10.15 -4.73
CA PHE A 233 -13.61 -9.21 -3.63
C PHE A 233 -13.24 -7.79 -4.06
N PHE A 234 -12.37 -7.67 -5.06
CA PHE A 234 -11.98 -6.34 -5.50
C PHE A 234 -13.18 -5.67 -6.02
N ASN A 235 -13.85 -6.33 -6.97
CA ASN A 235 -15.05 -5.81 -7.60
C ASN A 235 -16.00 -5.36 -6.56
N THR A 236 -16.15 -6.13 -5.50
CA THR A 236 -17.14 -5.84 -4.49
C THR A 236 -16.77 -4.63 -3.72
N LEU A 237 -15.49 -4.48 -3.47
CA LEU A 237 -15.04 -3.41 -2.63
C LEU A 237 -15.07 -2.10 -3.40
N ALA A 238 -14.80 -2.19 -4.70
CA ALA A 238 -14.81 -1.02 -5.54
C ALA A 238 -16.21 -0.45 -5.43
N GLY A 239 -17.11 -1.22 -4.83
CA GLY A 239 -18.45 -0.74 -4.57
C GLY A 239 -18.44 0.60 -3.86
N PHE A 240 -18.03 0.60 -2.59
CA PHE A 240 -18.03 1.78 -1.75
C PHE A 240 -16.70 2.50 -1.80
N ALA A 241 -15.69 1.88 -1.20
CA ALA A 241 -14.30 2.35 -1.27
C ALA A 241 -13.81 2.60 -2.69
N ASN A 242 -13.05 3.66 -2.87
CA ASN A 242 -12.39 3.78 -4.13
C ASN A 242 -10.92 3.39 -3.91
N ILE A 243 -10.38 2.57 -4.79
CA ILE A 243 -9.25 1.72 -4.40
C ILE A 243 -8.04 1.70 -5.32
N ASP A 244 -8.01 2.53 -6.35
CA ASP A 244 -6.80 2.67 -7.14
C ASP A 244 -6.31 4.07 -6.94
N GLN A 245 -7.15 4.95 -6.41
CA GLN A 245 -6.73 6.32 -6.24
C GLN A 245 -6.64 6.69 -4.80
N GLU A 246 -6.08 7.86 -4.53
CA GLU A 246 -6.13 8.46 -3.22
C GLU A 246 -6.56 9.92 -3.25
N THR A 247 -7.03 10.41 -2.12
CA THR A 247 -7.75 11.64 -2.11
C THR A 247 -7.28 12.71 -1.16
N TYR A 248 -7.15 13.89 -1.68
CA TYR A 248 -6.61 14.95 -0.86
C TYR A 248 -7.50 16.23 -0.87
N ARG A 249 -8.00 16.60 0.30
CA ARG A 249 -8.66 17.88 0.50
C ARG A 249 -7.60 18.90 0.72
N CYS A 250 -7.62 19.94 -0.08
CA CYS A 250 -6.56 20.92 -0.07
C CYS A 250 -7.05 22.14 -0.84
N GLU A 251 -6.67 23.33 -0.36
CA GLU A 251 -6.96 24.60 -1.04
C GLU A 251 -6.23 24.54 -2.37
N LEU A 252 -6.35 25.52 -3.22
CA LEU A 252 -5.36 25.53 -4.26
C LEU A 252 -5.21 26.92 -4.86
N ILE A 253 -3.94 27.35 -4.91
CA ILE A 253 -3.66 28.79 -4.98
C ILE A 253 -3.56 29.33 -6.40
N GLN A 254 -4.29 30.42 -6.67
CA GLN A 254 -4.51 30.89 -8.02
C GLN A 254 -5.06 32.30 -7.95
N GLY A 255 -5.62 32.76 -9.05
CA GLY A 255 -6.34 34.04 -9.10
C GLY A 255 -7.24 34.15 -7.90
N TRP A 256 -8.31 33.36 -7.88
CA TRP A 256 -9.12 33.22 -6.70
C TRP A 256 -8.81 31.83 -6.18
N ASN A 257 -8.52 31.72 -4.88
CA ASN A 257 -8.15 30.41 -4.29
C ASN A 257 -9.35 29.63 -3.83
N ILE A 258 -9.35 28.35 -4.12
CA ILE A 258 -10.53 27.55 -3.88
C ILE A 258 -10.12 26.20 -3.22
N THR A 259 -10.87 25.75 -2.21
CA THR A 259 -10.59 24.41 -1.64
C THR A 259 -11.23 23.29 -2.46
N VAL A 260 -10.50 22.22 -2.66
CA VAL A 260 -10.95 21.17 -3.56
C VAL A 260 -10.52 19.75 -3.15
N ASP A 261 -11.23 18.73 -3.61
CA ASP A 261 -10.77 17.36 -3.40
C ASP A 261 -10.08 16.80 -4.61
N LEU A 262 -8.83 16.36 -4.40
CA LEU A 262 -7.94 15.87 -5.44
C LEU A 262 -7.89 14.37 -5.47
N VAL A 263 -8.08 13.82 -6.66
CA VAL A 263 -7.96 12.40 -6.79
C VAL A 263 -6.67 12.07 -7.52
N ILE A 264 -5.91 11.12 -7.00
CA ILE A 264 -4.73 10.80 -7.71
C ILE A 264 -4.61 9.32 -7.74
N GLY A 265 -4.37 8.83 -8.94
CA GLY A 265 -4.06 7.44 -9.19
C GLY A 265 -3.55 7.37 -10.62
N PRO A 266 -3.60 6.17 -11.21
CA PRO A 266 -2.91 5.89 -12.45
C PRO A 266 -3.52 6.68 -13.57
N LYS A 267 -4.76 7.09 -13.44
CA LYS A 267 -5.35 7.81 -14.55
C LYS A 267 -4.98 9.30 -14.46
N GLY A 268 -4.10 9.63 -13.53
CA GLY A 268 -3.65 11.01 -13.48
C GLY A 268 -4.11 11.75 -12.25
N ILE A 269 -4.02 13.06 -12.31
CA ILE A 269 -4.46 13.81 -11.18
C ILE A 269 -5.60 14.65 -11.66
N ARG A 270 -6.71 14.47 -10.93
CA ARG A 270 -8.07 14.72 -11.39
C ARG A 270 -8.83 15.40 -10.27
N GLN A 271 -9.72 16.30 -10.67
CA GLN A 271 -10.69 16.88 -9.75
C GLN A 271 -11.88 15.98 -9.54
N LEU A 272 -12.11 15.69 -8.27
CA LEU A 272 -13.26 14.96 -7.79
C LEU A 272 -14.15 16.11 -7.54
N THR A 273 -15.03 16.32 -8.50
CA THR A 273 -15.93 17.44 -8.39
C THR A 273 -16.74 17.08 -7.14
N SER A 274 -17.53 18.03 -6.63
CA SER A 274 -18.28 17.76 -5.44
C SER A 274 -19.15 16.49 -5.64
N GLN A 275 -18.59 15.37 -5.14
CA GLN A 275 -19.16 13.95 -5.08
C GLN A 275 -19.15 13.00 -6.33
N ASP A 276 -19.16 13.56 -7.55
CA ASP A 276 -19.63 12.84 -8.76
C ASP A 276 -18.74 11.73 -9.39
N ALA A 277 -19.44 10.65 -9.79
CA ALA A 277 -19.01 9.61 -10.74
C ALA A 277 -18.10 10.14 -11.89
N LYS A 278 -18.37 11.37 -12.34
CA LYS A 278 -17.62 12.01 -13.43
C LYS A 278 -16.47 12.92 -12.95
N PRO A 279 -15.36 12.35 -12.41
CA PRO A 279 -14.24 13.26 -12.22
C PRO A 279 -13.56 13.50 -13.57
N THR A 280 -13.38 14.77 -13.95
CA THR A 280 -12.71 15.07 -15.22
C THR A 280 -11.34 15.62 -14.93
N CYS A 281 -10.41 15.39 -15.87
CA CYS A 281 -8.95 15.42 -15.59
C CYS A 281 -8.33 16.79 -15.46
N LEU A 282 -7.41 16.92 -14.52
CA LEU A 282 -6.81 18.18 -14.22
C LEU A 282 -5.39 18.32 -14.83
N ALA A 283 -4.52 17.39 -14.46
CA ALA A 283 -3.14 17.38 -14.95
C ALA A 283 -2.71 15.97 -15.35
N GLU A 284 -1.94 15.83 -16.43
CA GLU A 284 -1.44 14.53 -16.93
C GLU A 284 -0.02 14.21 -16.45
N PHE A 285 0.24 12.97 -16.05
CA PHE A 285 1.59 12.69 -15.61
C PHE A 285 2.63 12.98 -16.72
N LYS A 286 2.39 12.44 -17.92
CA LYS A 286 3.18 12.84 -19.10
C LYS A 286 3.56 14.32 -19.03
N GLN A 287 2.62 15.16 -18.61
CA GLN A 287 2.79 16.60 -18.66
C GLN A 287 3.61 17.19 -17.53
N ILE A 288 3.70 16.50 -16.40
CA ILE A 288 4.44 17.10 -15.29
C ILE A 288 5.99 17.22 -15.58
N ARG A 289 6.62 18.19 -14.94
CA ARG A 289 8.00 18.53 -15.25
C ARG A 289 8.82 18.70 -13.99
N SER A 290 8.19 19.06 -12.87
CA SER A 290 8.95 19.35 -11.66
C SER A 290 8.09 19.57 -10.41
N ILE A 291 8.25 18.68 -9.44
CA ILE A 291 7.49 18.70 -8.19
C ILE A 291 8.31 19.40 -7.15
N ARG A 292 7.66 19.92 -6.10
CA ARG A 292 8.36 20.80 -5.19
C ARG A 292 7.52 20.99 -3.95
N CYS A 293 8.15 21.19 -2.78
CA CYS A 293 7.41 21.48 -1.54
C CYS A 293 7.93 22.72 -0.77
N LEU A 294 7.03 23.59 -0.30
CA LEU A 294 7.42 24.72 0.54
C LEU A 294 6.55 24.76 1.78
N PRO A 295 7.16 25.00 2.95
CA PRO A 295 6.45 25.15 4.22
C PRO A 295 5.98 26.61 4.49
N LEU A 296 4.99 26.75 5.36
CA LEU A 296 4.32 28.03 5.58
C LEU A 296 3.89 28.20 7.03
N GLU A 297 3.81 29.45 7.46
CA GLU A 297 4.07 29.78 8.86
C GLU A 297 2.94 29.48 9.85
N GLU A 298 2.01 28.65 9.40
CA GLU A 298 1.02 28.12 10.30
C GLU A 298 1.01 26.61 10.10
N GLY A 299 2.22 26.03 10.06
CA GLY A 299 2.40 24.59 9.89
C GLY A 299 2.00 24.00 8.54
N GLN A 300 1.45 24.82 7.64
CA GLN A 300 0.95 24.31 6.35
C GLN A 300 1.97 24.43 5.28
N ALA A 301 1.60 24.16 4.04
CA ALA A 301 2.61 24.04 3.02
C ALA A 301 2.07 23.93 1.62
N VAL A 302 2.95 24.01 0.64
CA VAL A 302 2.53 24.05 -0.75
C VAL A 302 3.29 23.09 -1.65
N LEU A 303 2.56 22.12 -2.18
CA LEU A 303 3.02 21.30 -3.28
C LEU A 303 2.88 22.18 -4.48
N GLN A 304 3.80 22.08 -5.43
CA GLN A 304 3.63 22.87 -6.61
C GLN A 304 4.33 22.27 -7.79
N LEU A 305 3.53 21.95 -8.79
CA LEU A 305 4.03 21.21 -9.91
C LEU A 305 4.39 22.17 -10.95
N GLY A 306 5.13 21.70 -11.95
CA GLY A 306 5.53 22.52 -13.09
C GLY A 306 4.99 21.85 -14.33
N ILE A 307 4.24 22.58 -15.15
CA ILE A 307 3.59 21.84 -16.21
C ILE A 307 3.93 22.45 -17.47
N GLU A 308 4.49 21.66 -18.38
CA GLU A 308 4.93 22.21 -19.65
C GLU A 308 3.67 22.24 -20.44
N GLY A 309 3.52 23.31 -21.23
CA GLY A 309 2.24 23.66 -21.79
C GLY A 309 1.47 24.64 -20.92
N ALA A 310 1.69 24.61 -19.60
CA ALA A 310 1.18 25.65 -18.72
C ALA A 310 2.25 26.74 -18.59
N PRO A 311 1.83 28.03 -18.57
CA PRO A 311 2.85 29.09 -18.40
C PRO A 311 3.12 29.30 -16.89
N GLN A 312 2.07 29.74 -16.19
CA GLN A 312 1.97 29.62 -14.74
C GLN A 312 2.21 28.16 -14.31
N ALA A 313 2.64 27.95 -13.07
CA ALA A 313 2.69 26.59 -12.53
C ALA A 313 1.32 26.29 -11.95
N LEU A 314 1.27 25.27 -11.10
CA LEU A 314 0.04 24.85 -10.44
C LEU A 314 0.36 24.67 -8.98
N SER A 315 -0.17 25.53 -8.13
CA SER A 315 0.31 25.49 -6.78
C SER A 315 -0.78 25.12 -5.81
N ILE A 316 -0.75 23.86 -5.35
CA ILE A 316 -1.70 23.35 -4.35
C ILE A 316 -1.30 23.61 -2.90
N LYS A 317 -2.22 24.17 -2.11
CA LYS A 317 -1.93 24.39 -0.69
C LYS A 317 -2.51 23.29 0.15
N THR A 318 -1.61 22.65 0.91
CA THR A 318 -1.92 21.46 1.71
C THR A 318 -1.84 21.69 3.21
N SER A 319 -2.47 20.81 3.96
CA SER A 319 -2.73 21.12 5.35
C SER A 319 -1.51 20.92 6.23
N SER A 320 -0.49 20.30 5.66
CA SER A 320 0.77 20.02 6.38
C SER A 320 1.90 19.87 5.40
N LEU A 321 3.12 20.15 5.88
CA LEU A 321 4.30 19.78 5.10
C LEU A 321 4.27 18.31 4.79
N ALA A 322 3.95 17.50 5.81
CA ALA A 322 3.82 16.07 5.59
C ALA A 322 2.90 15.79 4.40
N GLU A 323 1.66 16.30 4.46
CA GLU A 323 0.70 15.93 3.43
C GLU A 323 1.28 16.31 2.08
N ALA A 324 1.88 17.48 2.02
CA ALA A 324 2.47 17.93 0.78
C ALA A 324 3.46 16.93 0.21
N GLU A 325 4.39 16.46 1.06
CA GLU A 325 5.38 15.48 0.61
C GLU A 325 4.75 14.12 0.29
N ASN A 326 3.73 13.66 1.01
CA ASN A 326 3.17 12.39 0.58
C ASN A 326 2.57 12.49 -0.80
N MET A 327 2.02 13.65 -1.14
CA MET A 327 1.35 13.79 -2.42
C MET A 327 2.45 13.82 -3.44
N ALA A 328 3.50 14.50 -3.05
CA ALA A 328 4.65 14.66 -3.88
C ALA A 328 5.15 13.26 -4.27
N ASP A 329 5.35 12.41 -3.26
CA ASP A 329 5.83 11.08 -3.52
C ASP A 329 4.91 10.35 -4.49
N LEU A 330 3.60 10.35 -4.22
CA LEU A 330 2.70 9.61 -5.08
C LEU A 330 2.83 10.06 -6.51
N ILE A 331 2.83 11.38 -6.73
CA ILE A 331 2.99 11.90 -8.08
C ILE A 331 4.30 11.48 -8.72
N ASP A 332 5.42 11.72 -8.05
CA ASP A 332 6.70 11.37 -8.66
C ASP A 332 6.70 9.89 -8.91
N GLY A 333 5.98 9.17 -8.07
CA GLY A 333 5.76 7.74 -8.26
C GLY A 333 5.14 7.38 -9.58
N TYR A 334 3.97 7.92 -9.86
CA TYR A 334 3.30 7.61 -11.11
C TYR A 334 4.10 8.16 -12.28
N CYS A 335 4.70 9.31 -12.08
CA CYS A 335 5.55 9.83 -13.09
C CYS A 335 6.65 8.84 -13.36
N ARG A 336 7.29 8.36 -12.28
CA ARG A 336 8.42 7.43 -12.37
C ARG A 336 7.98 6.26 -13.17
N LEU A 337 6.82 5.71 -12.82
CA LEU A 337 6.31 4.51 -13.47
C LEU A 337 5.99 4.72 -14.92
N GLN A 338 5.22 5.75 -15.24
CA GLN A 338 4.78 5.92 -16.61
C GLN A 338 5.76 6.67 -17.52
N GLY A 339 6.61 7.53 -16.97
CA GLY A 339 7.55 8.27 -17.81
C GLY A 339 8.79 7.45 -18.16
N GLU A 340 9.27 7.58 -19.40
CA GLU A 340 10.58 6.99 -19.74
C GLU A 340 11.70 7.94 -19.40
N HIS A 341 12.12 7.90 -18.14
CA HIS A 341 13.24 8.71 -17.69
C HIS A 341 13.66 8.41 -16.27
N GLN A 342 14.95 8.65 -16.03
CA GLN A 342 15.62 8.29 -14.79
C GLN A 342 15.49 9.34 -13.68
N GLY A 343 15.24 8.86 -12.46
CA GLY A 343 15.34 9.70 -11.27
C GLY A 343 14.02 10.37 -11.09
N SER A 344 13.87 11.04 -9.95
CA SER A 344 12.60 11.69 -9.61
C SER A 344 12.53 13.02 -10.34
N LEU A 345 11.40 13.71 -10.17
CA LEU A 345 11.15 15.03 -10.78
C LEU A 345 11.10 16.14 -9.72
N ILE A 346 11.02 15.72 -8.45
CA ILE A 346 11.13 16.58 -7.26
C ILE A 346 12.42 17.36 -7.22
N ILE A 347 12.49 18.33 -6.31
CA ILE A 347 13.56 19.33 -6.31
C ILE A 347 13.68 19.93 -4.90
N HIS A 348 14.91 20.28 -4.47
CA HIS A 348 15.13 21.01 -3.19
C HIS A 348 16.34 22.00 -3.31
N PRO A 349 16.10 23.27 -3.73
CA PRO A 349 17.27 24.11 -4.10
C PRO A 349 18.46 23.94 -3.15
#